data_5T7Q
#
_entry.id   5T7Q
#
_entity_poly.entity_id   1
_entity_poly.type   'polypeptide(L)'
_entity_poly.pdbx_seq_one_letter_code
;KKPLGKMADWFRQTLLKKPKK
;
_entity_poly.pdbx_strand_id   A
#
# COMPACT_ATOMS: atom_id res chain seq x y z
N LYS A 1 1.88 2.30 12.55
CA LYS A 1 1.68 2.62 11.14
C LYS A 1 0.31 3.21 10.89
N LYS A 2 0.26 4.38 10.28
CA LYS A 2 -0.99 5.07 10.02
C LYS A 2 -1.81 4.35 8.96
N PRO A 3 -3.12 4.31 9.15
CA PRO A 3 -4.02 3.70 8.18
C PRO A 3 -3.80 4.29 6.79
N LEU A 4 -3.46 5.57 6.74
CA LEU A 4 -3.20 6.25 5.48
C LEU A 4 -1.99 5.64 4.77
N GLY A 5 -0.96 5.31 5.55
CA GLY A 5 0.22 4.64 5.01
C GLY A 5 -0.09 3.22 4.58
N LYS A 6 -0.98 2.57 5.33
CA LYS A 6 -1.42 1.23 4.98
C LYS A 6 -2.15 1.21 3.65
N MET A 7 -3.01 2.20 3.43
CA MET A 7 -3.74 2.33 2.18
C MET A 7 -2.81 2.73 1.04
N ALA A 8 -1.82 3.56 1.35
CA ALA A 8 -0.81 3.93 0.37
C ALA A 8 -0.12 2.70 -0.20
N ASP A 9 0.30 1.80 0.66
CA ASP A 9 0.91 0.55 0.24
C ASP A 9 -0.10 -0.35 -0.47
N TRP A 10 -1.35 -0.30 -0.03
CA TRP A 10 -2.42 -1.03 -0.68
C TRP A 10 -2.58 -0.59 -2.13
N PHE A 11 -2.49 0.71 -2.37
CA PHE A 11 -2.58 1.25 -3.71
C PHE A 11 -1.33 0.94 -4.53
N ARG A 12 -0.19 0.90 -3.85
CA ARG A 12 1.08 0.57 -4.51
C ARG A 12 1.06 -0.86 -5.02
N GLN A 13 0.41 -1.74 -4.28
CA GLN A 13 0.26 -3.13 -4.71
C GLN A 13 -0.88 -3.30 -5.69
N THR A 14 -1.99 -2.59 -5.44
CA THR A 14 -3.20 -2.75 -6.23
C THR A 14 -3.05 -2.11 -7.60
N LEU A 15 -2.58 -0.87 -7.63
CA LEU A 15 -2.58 -0.07 -8.85
C LEU A 15 -1.21 -0.07 -9.51
N LEU A 16 -0.17 0.10 -8.70
CA LEU A 16 1.19 0.17 -9.21
C LEU A 16 1.81 -1.22 -9.30
N LYS A 17 1.08 -2.22 -8.82
CA LYS A 17 1.50 -3.61 -8.98
C LYS A 17 2.82 -3.86 -8.28
N LYS A 18 2.97 -3.29 -7.08
CA LYS A 18 4.17 -3.52 -6.27
C LYS A 18 3.83 -4.25 -4.98
N PRO A 19 4.14 -5.55 -4.94
CA PRO A 19 3.86 -6.37 -3.78
C PRO A 19 4.44 -5.74 -2.51
N LYS A 20 3.62 -5.67 -1.47
CA LYS A 20 4.05 -5.11 -0.20
C LYS A 20 5.18 -5.93 0.43
N LYS A 21 6.22 -5.25 0.88
CA LYS A 21 7.36 -5.91 1.49
C LYS A 21 8.23 -4.93 2.27
N LYS A 1 2.94 2.52 11.71
CA LYS A 1 2.41 2.90 10.41
C LYS A 1 0.93 3.28 10.51
N LYS A 2 0.58 4.43 9.98
CA LYS A 2 -0.80 4.91 10.03
C LYS A 2 -1.66 4.23 8.97
N PRO A 3 -2.96 4.17 9.22
CA PRO A 3 -3.89 3.57 8.27
C PRO A 3 -3.74 4.19 6.89
N LEU A 4 -3.43 5.48 6.85
CA LEU A 4 -3.23 6.19 5.59
C LEU A 4 -2.04 5.64 4.83
N GLY A 5 -0.97 5.33 5.55
CA GLY A 5 0.22 4.72 4.96
C GLY A 5 -0.06 3.29 4.53
N LYS A 6 -0.89 2.60 5.30
CA LYS A 6 -1.31 1.24 4.95
C LYS A 6 -2.10 1.21 3.65
N MET A 7 -2.98 2.20 3.49
CA MET A 7 -3.75 2.34 2.26
C MET A 7 -2.85 2.69 1.08
N ALA A 8 -1.85 3.52 1.34
CA ALA A 8 -0.85 3.86 0.32
C ALA A 8 -0.14 2.61 -0.18
N ASP A 9 0.23 1.73 0.74
CA ASP A 9 0.83 0.45 0.38
C ASP A 9 -0.13 -0.40 -0.42
N TRP A 10 -1.40 -0.38 -0.04
CA TRP A 10 -2.43 -1.10 -0.77
C TRP A 10 -2.54 -0.59 -2.21
N PHE A 11 -2.51 0.73 -2.37
CA PHE A 11 -2.54 1.34 -3.69
C PHE A 11 -1.31 0.94 -4.51
N ARG A 12 -0.16 0.86 -3.84
CA ARG A 12 1.06 0.44 -4.49
C ARG A 12 0.98 -1.01 -4.96
N GLN A 13 0.23 -1.82 -4.20
CA GLN A 13 -0.02 -3.20 -4.59
C GLN A 13 -0.82 -3.27 -5.88
N THR A 14 -1.77 -2.36 -6.03
CA THR A 14 -2.67 -2.37 -7.17
C THR A 14 -2.07 -1.64 -8.36
N LEU A 15 -1.19 -0.68 -8.08
CA LEU A 15 -0.63 0.18 -9.10
C LEU A 15 0.79 -0.23 -9.48
N LEU A 16 1.61 -0.49 -8.46
CA LEU A 16 3.03 -0.78 -8.68
C LEU A 16 3.33 -2.25 -8.44
N LYS A 17 2.28 -3.03 -8.19
CA LYS A 17 2.45 -4.45 -7.88
C LYS A 17 3.39 -4.66 -6.70
N LYS A 18 3.28 -3.78 -5.71
CA LYS A 18 4.06 -3.92 -4.49
C LYS A 18 3.20 -4.44 -3.34
N PRO A 19 3.52 -5.64 -2.86
CA PRO A 19 2.74 -6.27 -1.82
C PRO A 19 2.59 -5.35 -0.61
N LYS A 20 1.35 -5.18 -0.15
CA LYS A 20 1.06 -4.36 1.01
C LYS A 20 1.80 -4.87 2.24
N LYS A 21 2.60 -4.00 2.84
CA LYS A 21 3.36 -4.35 4.03
C LYS A 21 3.98 -3.12 4.69
N LYS A 1 2.97 2.41 11.65
CA LYS A 1 2.42 2.81 10.37
C LYS A 1 0.94 3.18 10.49
N LYS A 2 0.59 4.35 9.98
CA LYS A 2 -0.79 4.83 10.03
C LYS A 2 -1.65 4.15 8.97
N PRO A 3 -2.95 4.10 9.22
CA PRO A 3 -3.89 3.51 8.27
C PRO A 3 -3.74 4.14 6.89
N LEU A 4 -3.42 5.44 6.86
CA LEU A 4 -3.22 6.14 5.61
C LEU A 4 -2.03 5.60 4.84
N GLY A 5 -0.96 5.28 5.57
CA GLY A 5 0.22 4.69 4.97
C GLY A 5 -0.06 3.25 4.52
N LYS A 6 -0.89 2.56 5.28
CA LYS A 6 -1.30 1.20 4.91
C LYS A 6 -2.09 1.20 3.61
N MET A 7 -2.98 2.18 3.46
CA MET A 7 -3.75 2.33 2.24
C MET A 7 -2.87 2.72 1.06
N ALA A 8 -1.86 3.55 1.34
CA ALA A 8 -0.87 3.91 0.33
C ALA A 8 -0.16 2.68 -0.20
N ASP A 9 0.24 1.79 0.69
CA ASP A 9 0.85 0.52 0.31
C ASP A 9 -0.13 -0.38 -0.43
N TRP A 10 -1.39 -0.31 -0.02
CA TRP A 10 -2.45 -1.04 -0.71
C TRP A 10 -2.58 -0.58 -2.16
N PHE A 11 -2.51 0.73 -2.37
CA PHE A 11 -2.52 1.29 -3.72
C PHE A 11 -1.27 0.90 -4.50
N ARG A 12 -0.14 0.82 -3.79
CA ARG A 12 1.11 0.39 -4.40
C ARG A 12 1.04 -1.08 -4.80
N GLN A 13 0.31 -1.87 -4.03
CA GLN A 13 0.05 -3.26 -4.38
C GLN A 13 -0.72 -3.36 -5.68
N THR A 14 -1.73 -2.50 -5.83
CA THR A 14 -2.56 -2.49 -7.03
C THR A 14 -1.78 -1.96 -8.23
N LEU A 15 -1.06 -0.87 -8.02
CA LEU A 15 -0.49 -0.10 -9.12
C LEU A 15 0.94 -0.54 -9.42
N LEU A 16 1.74 -0.66 -8.37
CA LEU A 16 3.17 -0.92 -8.53
C LEU A 16 3.52 -2.37 -8.23
N LYS A 17 2.49 -3.18 -8.01
CA LYS A 17 2.68 -4.59 -7.68
C LYS A 17 3.57 -4.75 -6.44
N LYS A 18 3.32 -3.91 -5.45
CA LYS A 18 4.05 -4.00 -4.18
C LYS A 18 3.13 -4.41 -3.04
N PRO A 19 3.23 -5.68 -2.64
CA PRO A 19 2.35 -6.23 -1.60
C PRO A 19 2.38 -5.36 -0.35
N LYS A 20 1.20 -5.05 0.18
CA LYS A 20 1.08 -4.24 1.38
C LYS A 20 1.78 -4.92 2.56
N LYS A 21 2.70 -4.21 3.18
CA LYS A 21 3.44 -4.73 4.32
C LYS A 21 4.16 -3.62 5.08
N LYS A 1 2.94 2.48 11.67
CA LYS A 1 2.38 2.86 10.37
C LYS A 1 0.93 3.30 10.49
N LYS A 2 0.63 4.47 9.94
CA LYS A 2 -0.74 5.00 9.99
C LYS A 2 -1.62 4.33 8.94
N PRO A 3 -2.92 4.33 9.21
CA PRO A 3 -3.89 3.75 8.27
C PRO A 3 -3.73 4.34 6.87
N LEU A 4 -3.37 5.61 6.81
CA LEU A 4 -3.16 6.29 5.54
C LEU A 4 -1.98 5.67 4.78
N GLY A 5 -0.92 5.35 5.52
CA GLY A 5 0.24 4.70 4.93
C GLY A 5 -0.07 3.25 4.53
N LYS A 6 -0.93 2.61 5.32
CA LYS A 6 -1.37 1.26 5.01
C LYS A 6 -2.15 1.21 3.70
N MET A 7 -3.03 2.21 3.52
CA MET A 7 -3.79 2.32 2.27
C MET A 7 -2.87 2.68 1.11
N ALA A 8 -1.88 3.52 1.37
CA ALA A 8 -0.88 3.87 0.36
C ALA A 8 -0.18 2.63 -0.17
N ASP A 9 0.21 1.74 0.74
CA ASP A 9 0.84 0.48 0.37
C ASP A 9 -0.12 -0.40 -0.42
N TRP A 10 -1.40 -0.37 -0.04
CA TRP A 10 -2.43 -1.09 -0.78
C TRP A 10 -2.53 -0.58 -2.21
N PHE A 11 -2.49 0.73 -2.38
CA PHE A 11 -2.52 1.33 -3.70
C PHE A 11 -1.25 1.01 -4.49
N ARG A 12 -0.13 0.94 -3.78
CA ARG A 12 1.14 0.57 -4.39
C ARG A 12 1.11 -0.88 -4.88
N GLN A 13 0.44 -1.74 -4.12
CA GLN A 13 0.22 -3.11 -4.55
C GLN A 13 -0.63 -3.17 -5.82
N THR A 14 -1.67 -2.35 -5.87
CA THR A 14 -2.56 -2.31 -7.01
C THR A 14 -1.87 -1.74 -8.25
N LEU A 15 -1.14 -0.65 -8.04
CA LEU A 15 -0.67 0.17 -9.15
C LEU A 15 0.78 -0.16 -9.50
N LEU A 16 1.62 -0.28 -8.47
CA LEU A 16 3.05 -0.43 -8.66
C LEU A 16 3.49 -1.87 -8.43
N LYS A 17 2.51 -2.76 -8.23
CA LYS A 17 2.80 -4.16 -7.97
C LYS A 17 3.73 -4.33 -6.78
N LYS A 18 3.49 -3.55 -5.73
CA LYS A 18 4.26 -3.66 -4.49
C LYS A 18 3.39 -4.19 -3.36
N PRO A 19 3.60 -5.44 -3.00
CA PRO A 19 2.79 -6.11 -1.99
C PRO A 19 2.74 -5.30 -0.70
N LYS A 20 1.53 -5.08 -0.18
CA LYS A 20 1.36 -4.36 1.08
C LYS A 20 2.08 -5.07 2.22
N LYS A 21 2.90 -4.34 2.95
CA LYS A 21 3.64 -4.89 4.07
C LYS A 21 4.20 -3.79 4.97
N LYS A 1 3.01 1.61 11.08
CA LYS A 1 2.44 2.44 10.01
C LYS A 1 1.02 2.87 10.35
N LYS A 2 0.63 4.04 9.86
CA LYS A 2 -0.74 4.53 10.02
C LYS A 2 -1.65 3.95 8.94
N PRO A 3 -2.95 3.92 9.24
CA PRO A 3 -3.93 3.42 8.29
C PRO A 3 -3.79 4.10 6.93
N LEU A 4 -3.45 5.38 6.95
CA LEU A 4 -3.20 6.13 5.72
C LEU A 4 -2.05 5.53 4.92
N GLY A 5 -0.94 5.27 5.61
CA GLY A 5 0.23 4.68 4.96
C GLY A 5 -0.06 3.26 4.50
N LYS A 6 -0.90 2.55 5.25
CA LYS A 6 -1.31 1.21 4.89
C LYS A 6 -2.10 1.20 3.60
N MET A 7 -2.99 2.18 3.44
CA MET A 7 -3.76 2.33 2.23
C MET A 7 -2.88 2.74 1.05
N ALA A 8 -1.87 3.56 1.34
CA ALA A 8 -0.88 3.94 0.34
C ALA A 8 -0.15 2.71 -0.20
N ASP A 9 0.23 1.81 0.70
CA ASP A 9 0.86 0.56 0.31
C ASP A 9 -0.12 -0.35 -0.41
N TRP A 10 -1.39 -0.29 -0.01
CA TRP A 10 -2.45 -1.02 -0.69
C TRP A 10 -2.57 -0.58 -2.15
N PHE A 11 -2.52 0.73 -2.37
CA PHE A 11 -2.51 1.27 -3.72
C PHE A 11 -1.28 0.83 -4.50
N ARG A 12 -0.14 0.79 -3.81
CA ARG A 12 1.10 0.33 -4.41
C ARG A 12 1.02 -1.15 -4.78
N GLN A 13 0.25 -1.90 -4.01
CA GLN A 13 -0.01 -3.30 -4.32
C GLN A 13 -0.77 -3.44 -5.64
N THR A 14 -1.71 -2.54 -5.87
CA THR A 14 -2.57 -2.61 -7.05
C THR A 14 -1.93 -1.94 -8.24
N LEU A 15 -1.04 -0.97 -7.98
CA LEU A 15 -0.46 -0.15 -9.02
C LEU A 15 0.97 -0.58 -9.34
N LEU A 16 1.76 -0.80 -8.30
CA LEU A 16 3.18 -1.08 -8.47
C LEU A 16 3.50 -2.54 -8.16
N LYS A 17 2.45 -3.33 -7.93
CA LYS A 17 2.62 -4.72 -7.57
C LYS A 17 3.49 -4.88 -6.33
N LYS A 18 3.26 -4.02 -5.34
CA LYS A 18 3.98 -4.10 -4.08
C LYS A 18 3.05 -4.48 -2.94
N PRO A 19 3.14 -5.73 -2.49
CA PRO A 19 2.25 -6.25 -1.46
C PRO A 19 2.27 -5.36 -0.23
N LYS A 20 1.08 -5.04 0.28
CA LYS A 20 0.96 -4.22 1.48
C LYS A 20 1.62 -4.91 2.68
N LYS A 21 2.51 -4.18 3.34
CA LYS A 21 3.22 -4.71 4.51
C LYS A 21 3.80 -3.59 5.36
N LYS A 1 2.88 1.82 11.15
CA LYS A 1 2.36 2.63 10.05
C LYS A 1 0.97 3.14 10.36
N LYS A 2 0.63 4.30 9.80
CA LYS A 2 -0.72 4.85 9.92
C LYS A 2 -1.66 4.23 8.89
N PRO A 3 -2.95 4.27 9.19
CA PRO A 3 -3.96 3.73 8.28
C PRO A 3 -3.80 4.30 6.88
N LEU A 4 -3.42 5.57 6.81
CA LEU A 4 -3.21 6.25 5.52
C LEU A 4 -2.02 5.64 4.79
N GLY A 5 -0.97 5.33 5.52
CA GLY A 5 0.22 4.70 4.95
C GLY A 5 -0.07 3.26 4.54
N LYS A 6 -0.93 2.60 5.30
CA LYS A 6 -1.37 1.25 4.98
C LYS A 6 -2.14 1.21 3.67
N MET A 7 -3.02 2.19 3.48
CA MET A 7 -3.77 2.32 2.24
C MET A 7 -2.84 2.68 1.07
N ALA A 8 -1.84 3.51 1.36
CA ALA A 8 -0.84 3.87 0.36
C ALA A 8 -0.14 2.64 -0.18
N ASP A 9 0.25 1.74 0.72
CA ASP A 9 0.87 0.48 0.34
C ASP A 9 -0.11 -0.40 -0.43
N TRP A 10 -1.37 -0.36 -0.03
CA TRP A 10 -2.43 -1.07 -0.75
C TRP A 10 -2.55 -0.58 -2.18
N PHE A 11 -2.50 0.74 -2.36
CA PHE A 11 -2.54 1.33 -3.68
C PHE A 11 -1.29 0.99 -4.49
N ARG A 12 -0.16 0.92 -3.81
CA ARG A 12 1.09 0.52 -4.44
C ARG A 12 1.04 -0.92 -4.91
N GLN A 13 0.37 -1.76 -4.13
CA GLN A 13 0.12 -3.14 -4.54
C GLN A 13 -0.78 -3.20 -5.76
N THR A 14 -1.80 -2.36 -5.79
CA THR A 14 -2.75 -2.32 -6.90
C THR A 14 -2.10 -1.79 -8.16
N LEU A 15 -1.33 -0.72 -8.01
CA LEU A 15 -0.88 0.06 -9.17
C LEU A 15 0.56 -0.30 -9.53
N LEU A 16 1.41 -0.42 -8.52
CA LEU A 16 2.85 -0.63 -8.75
C LEU A 16 3.23 -2.08 -8.50
N LYS A 17 2.24 -2.91 -8.22
CA LYS A 17 2.48 -4.33 -7.94
C LYS A 17 3.48 -4.49 -6.80
N LYS A 18 3.37 -3.63 -5.79
CA LYS A 18 4.21 -3.74 -4.60
C LYS A 18 3.42 -4.30 -3.43
N PRO A 19 3.80 -5.52 -3.01
CA PRO A 19 3.07 -6.20 -1.94
C PRO A 19 2.95 -5.33 -0.70
N LYS A 20 1.73 -5.18 -0.20
CA LYS A 20 1.49 -4.45 1.04
C LYS A 20 2.13 -5.15 2.23
N LYS A 21 2.98 -4.41 2.95
CA LYS A 21 3.67 -4.97 4.11
C LYS A 21 3.56 -4.05 5.31
N LYS A 1 3.00 1.76 11.08
CA LYS A 1 2.44 2.56 10.00
C LYS A 1 1.04 3.03 10.32
N LYS A 2 0.67 4.19 9.81
CA LYS A 2 -0.69 4.71 9.96
C LYS A 2 -1.62 4.08 8.91
N PRO A 3 -2.92 4.09 9.22
CA PRO A 3 -3.92 3.54 8.30
C PRO A 3 -3.77 4.16 6.91
N LEU A 4 -3.43 5.44 6.87
CA LEU A 4 -3.25 6.13 5.60
C LEU A 4 -2.06 5.58 4.84
N GLY A 5 -0.98 5.28 5.57
CA GLY A 5 0.21 4.68 4.97
C GLY A 5 -0.06 3.26 4.53
N LYS A 6 -0.90 2.55 5.27
CA LYS A 6 -1.31 1.20 4.91
C LYS A 6 -2.10 1.19 3.60
N MET A 7 -2.98 2.17 3.45
CA MET A 7 -3.75 2.33 2.22
C MET A 7 -2.85 2.72 1.05
N ALA A 8 -1.85 3.54 1.34
CA ALA A 8 -0.85 3.91 0.34
C ALA A 8 -0.14 2.68 -0.21
N ASP A 9 0.25 1.78 0.69
CA ASP A 9 0.87 0.52 0.30
C ASP A 9 -0.11 -0.37 -0.42
N TRP A 10 -1.38 -0.30 -0.02
CA TRP A 10 -2.45 -1.03 -0.70
C TRP A 10 -2.59 -0.58 -2.15
N PHE A 11 -2.50 0.73 -2.36
CA PHE A 11 -2.53 1.29 -3.71
C PHE A 11 -1.30 0.89 -4.50
N ARG A 12 -0.16 0.81 -3.81
CA ARG A 12 1.09 0.37 -4.42
C ARG A 12 1.00 -1.10 -4.83
N GLN A 13 0.29 -1.89 -4.04
CA GLN A 13 -0.01 -3.28 -4.38
C GLN A 13 -0.84 -3.35 -5.66
N THR A 14 -1.84 -2.49 -5.75
CA THR A 14 -2.72 -2.47 -6.91
C THR A 14 -1.99 -1.98 -8.16
N LEU A 15 -1.21 -0.92 -8.00
CA LEU A 15 -0.69 -0.17 -9.15
C LEU A 15 0.74 -0.59 -9.46
N LEU A 16 1.56 -0.72 -8.42
CA LEU A 16 2.99 -0.97 -8.60
C LEU A 16 3.34 -2.42 -8.30
N LYS A 17 2.32 -3.23 -8.06
CA LYS A 17 2.52 -4.64 -7.73
C LYS A 17 3.43 -4.80 -6.52
N LYS A 18 3.23 -3.95 -5.52
CA LYS A 18 3.99 -4.04 -4.28
C LYS A 18 3.08 -4.44 -3.12
N PRO A 19 3.18 -5.70 -2.70
CA PRO A 19 2.32 -6.23 -1.66
C PRO A 19 2.38 -5.36 -0.41
N LYS A 20 1.21 -5.04 0.14
CA LYS A 20 1.12 -4.26 1.37
C LYS A 20 1.80 -4.98 2.52
N LYS A 21 2.83 -4.35 3.08
CA LYS A 21 3.56 -4.93 4.21
C LYS A 21 3.77 -3.90 5.30
N LYS A 1 3.04 2.44 11.66
CA LYS A 1 2.49 2.83 10.38
C LYS A 1 1.00 3.16 10.50
N LYS A 2 0.62 4.33 9.99
CA LYS A 2 -0.77 4.78 10.05
C LYS A 2 -1.62 4.10 8.99
N PRO A 3 -2.92 4.01 9.24
CA PRO A 3 -3.85 3.43 8.29
C PRO A 3 -3.71 4.07 6.91
N LEU A 4 -3.43 5.37 6.90
CA LEU A 4 -3.25 6.10 5.65
C LEU A 4 -2.05 5.58 4.87
N GLY A 5 -0.97 5.27 5.59
CA GLY A 5 0.22 4.69 4.97
C GLY A 5 -0.04 3.27 4.51
N LYS A 6 -0.86 2.54 5.27
CA LYS A 6 -1.26 1.20 4.89
C LYS A 6 -2.07 1.19 3.60
N MET A 7 -2.96 2.18 3.46
CA MET A 7 -3.74 2.33 2.25
C MET A 7 -2.87 2.74 1.07
N ALA A 8 -1.86 3.56 1.34
CA ALA A 8 -0.88 3.92 0.33
C ALA A 8 -0.16 2.69 -0.21
N ASP A 9 0.23 1.79 0.69
CA ASP A 9 0.84 0.53 0.31
C ASP A 9 -0.14 -0.37 -0.43
N TRP A 10 -1.41 -0.30 -0.03
CA TRP A 10 -2.47 -1.02 -0.71
C TRP A 10 -2.58 -0.58 -2.16
N PHE A 11 -2.51 0.73 -2.39
CA PHE A 11 -2.51 1.28 -3.74
C PHE A 11 -1.26 0.86 -4.50
N ARG A 12 -0.14 0.80 -3.79
CA ARG A 12 1.11 0.35 -4.39
C ARG A 12 1.05 -1.12 -4.78
N GLN A 13 0.30 -1.90 -4.01
CA GLN A 13 0.04 -3.29 -4.35
C GLN A 13 -0.72 -3.40 -5.67
N THR A 14 -1.72 -2.54 -5.84
CA THR A 14 -2.52 -2.53 -7.07
C THR A 14 -1.71 -2.00 -8.24
N LEU A 15 -0.98 -0.91 -8.03
CA LEU A 15 -0.38 -0.15 -9.12
C LEU A 15 1.04 -0.62 -9.39
N LEU A 16 1.82 -0.76 -8.33
CA LEU A 16 3.25 -1.02 -8.46
C LEU A 16 3.57 -2.48 -8.15
N LYS A 17 2.53 -3.28 -7.95
CA LYS A 17 2.69 -4.68 -7.59
C LYS A 17 3.55 -4.84 -6.35
N LYS A 18 3.31 -3.99 -5.36
CA LYS A 18 4.02 -4.08 -4.09
C LYS A 18 3.07 -4.48 -2.97
N PRO A 19 3.17 -5.73 -2.54
CA PRO A 19 2.28 -6.26 -1.51
C PRO A 19 2.27 -5.37 -0.28
N LYS A 20 1.07 -5.06 0.21
CA LYS A 20 0.91 -4.19 1.38
C LYS A 20 1.64 -4.78 2.58
N LYS A 21 2.59 -4.02 3.11
CA LYS A 21 3.33 -4.45 4.29
C LYS A 21 4.15 -3.30 4.88
N LYS A 1 3.12 1.73 11.01
CA LYS A 1 2.55 2.53 9.94
C LYS A 1 1.12 2.97 10.28
N LYS A 2 0.74 4.14 9.79
CA LYS A 2 -0.63 4.63 9.96
C LYS A 2 -1.56 4.02 8.93
N PRO A 3 -2.85 4.01 9.24
CA PRO A 3 -3.86 3.47 8.33
C PRO A 3 -3.74 4.10 6.96
N LEU A 4 -3.40 5.39 6.93
CA LEU A 4 -3.23 6.11 5.66
C LEU A 4 -2.05 5.57 4.88
N GLY A 5 -0.97 5.26 5.60
CA GLY A 5 0.21 4.68 4.96
C GLY A 5 -0.05 3.24 4.51
N LYS A 6 -0.88 2.54 5.26
CA LYS A 6 -1.30 1.19 4.88
C LYS A 6 -2.10 1.20 3.59
N MET A 7 -2.98 2.18 3.46
CA MET A 7 -3.76 2.34 2.24
C MET A 7 -2.87 2.75 1.06
N ALA A 8 -1.87 3.56 1.34
CA ALA A 8 -0.88 3.93 0.33
C ALA A 8 -0.16 2.70 -0.21
N ASP A 9 0.23 1.80 0.70
CA ASP A 9 0.86 0.55 0.30
C ASP A 9 -0.12 -0.36 -0.42
N TRP A 10 -1.40 -0.28 -0.02
CA TRP A 10 -2.46 -1.01 -0.69
C TRP A 10 -2.59 -0.58 -2.15
N PHE A 11 -2.50 0.72 -2.38
CA PHE A 11 -2.52 1.26 -3.73
C PHE A 11 -1.26 0.87 -4.49
N ARG A 12 -0.14 0.80 -3.79
CA ARG A 12 1.12 0.36 -4.38
C ARG A 12 1.06 -1.12 -4.76
N GLN A 13 0.32 -1.90 -3.98
CA GLN A 13 0.05 -3.28 -4.31
C GLN A 13 -0.73 -3.40 -5.62
N THR A 14 -1.74 -2.54 -5.77
CA THR A 14 -2.58 -2.54 -6.96
C THR A 14 -1.79 -2.06 -8.17
N LEU A 15 -1.04 -0.97 -7.99
CA LEU A 15 -0.48 -0.24 -9.12
C LEU A 15 0.96 -0.67 -9.39
N LEU A 16 1.76 -0.78 -8.33
CA LEU A 16 3.18 -1.03 -8.47
C LEU A 16 3.52 -2.47 -8.14
N LYS A 17 2.50 -3.28 -7.92
CA LYS A 17 2.69 -4.68 -7.55
C LYS A 17 3.57 -4.82 -6.31
N LYS A 18 3.33 -3.96 -5.33
CA LYS A 18 4.04 -4.03 -4.06
C LYS A 18 3.10 -4.42 -2.92
N PRO A 19 3.20 -5.68 -2.49
CA PRO A 19 2.31 -6.21 -1.47
C PRO A 19 2.32 -5.32 -0.23
N LYS A 20 1.13 -5.00 0.28
CA LYS A 20 1.00 -4.20 1.49
C LYS A 20 1.66 -4.89 2.68
N LYS A 21 2.54 -4.16 3.36
CA LYS A 21 3.24 -4.70 4.52
C LYS A 21 3.84 -3.58 5.36
N LYS A 1 2.94 2.39 11.66
CA LYS A 1 2.39 2.79 10.37
C LYS A 1 0.91 3.18 10.49
N LYS A 2 0.57 4.35 9.97
CA LYS A 2 -0.81 4.83 10.02
C LYS A 2 -1.66 4.17 8.96
N PRO A 3 -2.97 4.11 9.20
CA PRO A 3 -3.90 3.53 8.25
C PRO A 3 -3.74 4.16 6.87
N LEU A 4 -3.43 5.45 6.84
CA LEU A 4 -3.23 6.16 5.59
C LEU A 4 -2.03 5.61 4.83
N GLY A 5 -0.97 5.29 5.56
CA GLY A 5 0.22 4.69 4.97
C GLY A 5 -0.06 3.26 4.53
N LYS A 6 -0.90 2.56 5.28
CA LYS A 6 -1.31 1.21 4.92
C LYS A 6 -2.10 1.20 3.62
N MET A 7 -2.98 2.18 3.46
CA MET A 7 -3.75 2.32 2.23
C MET A 7 -2.86 2.71 1.06
N ALA A 8 -1.86 3.55 1.34
CA ALA A 8 -0.86 3.91 0.33
C ALA A 8 -0.14 2.68 -0.21
N ASP A 9 0.24 1.79 0.69
CA ASP A 9 0.86 0.52 0.31
C ASP A 9 -0.12 -0.37 -0.42
N TRP A 10 -1.39 -0.31 -0.02
CA TRP A 10 -2.45 -1.04 -0.71
C TRP A 10 -2.57 -0.58 -2.16
N PHE A 11 -2.50 0.73 -2.37
CA PHE A 11 -2.53 1.29 -3.71
C PHE A 11 -1.28 0.91 -4.50
N ARG A 12 -0.15 0.83 -3.80
CA ARG A 12 1.09 0.39 -4.42
C ARG A 12 1.02 -1.07 -4.82
N GLN A 13 0.30 -1.87 -4.04
CA GLN A 13 0.03 -3.25 -4.39
C GLN A 13 -0.81 -3.34 -5.67
N THR A 14 -1.82 -2.47 -5.77
CA THR A 14 -2.70 -2.46 -6.93
C THR A 14 -1.96 -1.96 -8.16
N LEU A 15 -1.19 -0.89 -8.01
CA LEU A 15 -0.67 -0.15 -9.14
C LEU A 15 0.76 -0.56 -9.46
N LEU A 16 1.58 -0.69 -8.42
CA LEU A 16 3.01 -0.92 -8.60
C LEU A 16 3.38 -2.37 -8.31
N LYS A 17 2.36 -3.19 -8.07
CA LYS A 17 2.57 -4.59 -7.74
C LYS A 17 3.49 -4.74 -6.53
N LYS A 18 3.27 -3.91 -5.52
CA LYS A 18 4.02 -4.00 -4.28
C LYS A 18 3.12 -4.42 -3.12
N PRO A 19 3.24 -5.68 -2.72
CA PRO A 19 2.38 -6.22 -1.67
C PRO A 19 2.42 -5.36 -0.42
N LYS A 20 1.24 -5.05 0.12
CA LYS A 20 1.14 -4.26 1.34
C LYS A 20 1.85 -4.95 2.51
N LYS A 21 2.77 -4.22 3.13
CA LYS A 21 3.53 -4.76 4.26
C LYS A 21 4.21 -3.64 5.04
N LYS A 1 3.01 2.33 11.65
CA LYS A 1 2.47 2.76 10.38
C LYS A 1 0.99 3.11 10.49
N LYS A 2 0.61 4.28 10.00
CA LYS A 2 -0.77 4.74 10.07
C LYS A 2 -1.61 4.07 9.00
N PRO A 3 -2.92 3.99 9.25
CA PRO A 3 -3.85 3.41 8.28
C PRO A 3 -3.71 4.07 6.91
N LEU A 4 -3.42 5.36 6.91
CA LEU A 4 -3.24 6.10 5.66
C LEU A 4 -2.04 5.58 4.89
N GLY A 5 -0.96 5.27 5.60
CA GLY A 5 0.23 4.69 4.99
C GLY A 5 -0.04 3.27 4.51
N LYS A 6 -0.86 2.54 5.27
CA LYS A 6 -1.27 1.19 4.88
C LYS A 6 -2.07 1.20 3.59
N MET A 7 -2.96 2.19 3.46
CA MET A 7 -3.75 2.34 2.24
C MET A 7 -2.88 2.74 1.07
N ALA A 8 -1.87 3.57 1.33
CA ALA A 8 -0.88 3.93 0.32
C ALA A 8 -0.17 2.70 -0.22
N ASP A 9 0.22 1.80 0.69
CA ASP A 9 0.84 0.53 0.31
C ASP A 9 -0.14 -0.36 -0.43
N TRP A 10 -1.41 -0.30 -0.03
CA TRP A 10 -2.47 -1.02 -0.71
C TRP A 10 -2.59 -0.59 -2.17
N PHE A 11 -2.52 0.72 -2.39
CA PHE A 11 -2.52 1.27 -3.74
C PHE A 11 -1.26 0.86 -4.50
N ARG A 12 -0.14 0.80 -3.79
CA ARG A 12 1.13 0.36 -4.38
C ARG A 12 1.08 -1.12 -4.75
N GLN A 13 0.32 -1.90 -3.98
CA GLN A 13 0.09 -3.29 -4.30
C GLN A 13 -0.64 -3.44 -5.63
N THR A 14 -1.65 -2.59 -5.83
CA THR A 14 -2.41 -2.61 -7.08
C THR A 14 -1.60 -2.06 -8.24
N LEU A 15 -0.91 -0.96 -8.02
CA LEU A 15 -0.30 -0.20 -9.10
C LEU A 15 1.13 -0.65 -9.35
N LEU A 16 1.91 -0.76 -8.28
CA LEU A 16 3.34 -1.02 -8.40
C LEU A 16 3.67 -2.47 -8.07
N LYS A 17 2.63 -3.27 -7.87
CA LYS A 17 2.81 -4.67 -7.50
C LYS A 17 3.65 -4.81 -6.24
N LYS A 18 3.39 -3.96 -5.26
CA LYS A 18 4.08 -4.02 -3.98
C LYS A 18 3.12 -4.42 -2.86
N PRO A 19 3.22 -5.67 -2.43
CA PRO A 19 2.32 -6.19 -1.40
C PRO A 19 2.32 -5.30 -0.16
N LYS A 20 1.13 -5.00 0.33
CA LYS A 20 0.99 -4.19 1.55
C LYS A 20 1.64 -4.89 2.74
N LYS A 21 2.59 -4.20 3.37
CA LYS A 21 3.27 -4.74 4.54
C LYS A 21 3.33 -3.71 5.66
N LYS A 1 2.87 1.64 11.16
CA LYS A 1 2.34 2.47 10.08
C LYS A 1 0.92 2.93 10.40
N LYS A 2 0.55 4.10 9.88
CA LYS A 2 -0.81 4.60 10.02
C LYS A 2 -1.72 4.03 8.94
N PRO A 3 -3.02 4.01 9.21
CA PRO A 3 -4.00 3.51 8.25
C PRO A 3 -3.82 4.16 6.89
N LEU A 4 -3.46 5.45 6.90
CA LEU A 4 -3.20 6.18 5.66
C LEU A 4 -2.04 5.55 4.88
N GLY A 5 -0.95 5.29 5.58
CA GLY A 5 0.23 4.69 4.97
C GLY A 5 -0.07 3.26 4.51
N LYS A 6 -0.92 2.57 5.27
CA LYS A 6 -1.33 1.22 4.92
C LYS A 6 -2.11 1.21 3.62
N MET A 7 -3.00 2.19 3.45
CA MET A 7 -3.75 2.33 2.22
C MET A 7 -2.86 2.72 1.05
N ALA A 8 -1.85 3.54 1.34
CA ALA A 8 -0.86 3.91 0.34
C ALA A 8 -0.13 2.68 -0.20
N ASP A 9 0.25 1.79 0.70
CA ASP A 9 0.87 0.53 0.31
C ASP A 9 -0.11 -0.36 -0.43
N TRP A 10 -1.38 -0.31 -0.02
CA TRP A 10 -2.44 -1.04 -0.71
C TRP A 10 -2.57 -0.58 -2.15
N PHE A 11 -2.52 0.73 -2.36
CA PHE A 11 -2.53 1.30 -3.70
C PHE A 11 -1.30 0.86 -4.50
N ARG A 12 -0.15 0.81 -3.82
CA ARG A 12 1.07 0.35 -4.45
C ARG A 12 0.97 -1.12 -4.85
N GLN A 13 0.23 -1.89 -4.07
CA GLN A 13 -0.05 -3.28 -4.40
C GLN A 13 -0.82 -3.39 -5.71
N THR A 14 -1.78 -2.48 -5.90
CA THR A 14 -2.66 -2.53 -7.06
C THR A 14 -2.04 -1.84 -8.27
N LEU A 15 -1.15 -0.88 -8.00
CA LEU A 15 -0.59 -0.05 -9.04
C LEU A 15 0.83 -0.48 -9.40
N LEU A 16 1.64 -0.71 -8.38
CA LEU A 16 3.06 -0.99 -8.58
C LEU A 16 3.38 -2.45 -8.31
N LYS A 17 2.33 -3.25 -8.07
CA LYS A 17 2.50 -4.66 -7.74
C LYS A 17 3.39 -4.84 -6.53
N LYS A 18 3.20 -3.99 -5.52
CA LYS A 18 3.94 -4.10 -4.27
C LYS A 18 3.03 -4.49 -3.11
N PRO A 19 3.11 -5.75 -2.70
CA PRO A 19 2.24 -6.26 -1.66
C PRO A 19 2.31 -5.40 -0.41
N LYS A 20 1.14 -5.06 0.14
CA LYS A 20 1.06 -4.28 1.36
C LYS A 20 1.75 -5.00 2.52
N LYS A 21 2.77 -4.36 3.08
CA LYS A 21 3.50 -4.94 4.21
C LYS A 21 3.71 -3.90 5.30
N LYS A 1 2.99 1.75 11.09
CA LYS A 1 2.44 2.56 10.00
C LYS A 1 1.02 3.03 10.33
N LYS A 2 0.66 4.20 9.81
CA LYS A 2 -0.70 4.71 9.96
C LYS A 2 -1.63 4.09 8.91
N PRO A 3 -2.92 4.08 9.21
CA PRO A 3 -3.92 3.55 8.30
C PRO A 3 -3.78 4.16 6.91
N LEU A 4 -3.43 5.45 6.87
CA LEU A 4 -3.24 6.14 5.60
C LEU A 4 -2.05 5.58 4.84
N GLY A 5 -0.98 5.28 5.57
CA GLY A 5 0.21 4.68 4.97
C GLY A 5 -0.06 3.25 4.52
N LYS A 6 -0.90 2.55 5.27
CA LYS A 6 -1.32 1.20 4.90
C LYS A 6 -2.10 1.19 3.60
N MET A 7 -2.98 2.17 3.45
CA MET A 7 -3.75 2.33 2.22
C MET A 7 -2.85 2.72 1.05
N ALA A 8 -1.85 3.55 1.34
CA ALA A 8 -0.85 3.91 0.34
C ALA A 8 -0.13 2.68 -0.20
N ASP A 9 0.25 1.78 0.69
CA ASP A 9 0.87 0.52 0.30
C ASP A 9 -0.11 -0.37 -0.42
N TRP A 10 -1.38 -0.30 -0.02
CA TRP A 10 -2.45 -1.03 -0.70
C TRP A 10 -2.59 -0.58 -2.15
N PHE A 11 -2.50 0.73 -2.36
CA PHE A 11 -2.53 1.29 -3.71
C PHE A 11 -1.29 0.89 -4.49
N ARG A 12 -0.15 0.82 -3.80
CA ARG A 12 1.09 0.37 -4.43
C ARG A 12 1.01 -1.09 -4.83
N GLN A 13 0.29 -1.88 -4.04
CA GLN A 13 0.00 -3.26 -4.39
C GLN A 13 -0.84 -3.35 -5.67
N THR A 14 -1.83 -2.49 -5.77
CA THR A 14 -2.72 -2.46 -6.93
C THR A 14 -1.98 -1.97 -8.17
N LEU A 15 -1.21 -0.90 -8.00
CA LEU A 15 -0.67 -0.16 -9.14
C LEU A 15 0.75 -0.58 -9.46
N LEU A 16 1.58 -0.71 -8.42
CA LEU A 16 3.00 -0.95 -8.60
C LEU A 16 3.36 -2.41 -8.30
N LYS A 17 2.33 -3.22 -8.07
CA LYS A 17 2.53 -4.63 -7.73
C LYS A 17 3.45 -4.78 -6.52
N LYS A 18 3.24 -3.94 -5.52
CA LYS A 18 3.99 -4.03 -4.27
C LYS A 18 3.09 -4.43 -3.12
N PRO A 19 3.17 -5.69 -2.71
CA PRO A 19 2.31 -6.22 -1.66
C PRO A 19 2.37 -5.36 -0.41
N LYS A 20 1.20 -5.03 0.13
CA LYS A 20 1.11 -4.26 1.37
C LYS A 20 1.79 -4.99 2.52
N LYS A 21 2.81 -4.35 3.08
CA LYS A 21 3.54 -4.93 4.21
C LYS A 21 3.75 -3.89 5.30
N LYS A 1 2.88 1.71 11.16
CA LYS A 1 2.37 2.51 10.06
C LYS A 1 0.99 3.08 10.37
N LYS A 2 0.69 4.24 9.79
CA LYS A 2 -0.63 4.83 9.91
C LYS A 2 -1.60 4.24 8.91
N PRO A 3 -2.90 4.32 9.21
CA PRO A 3 -3.93 3.81 8.32
C PRO A 3 -3.78 4.37 6.92
N LEU A 4 -3.37 5.62 6.83
CA LEU A 4 -3.16 6.28 5.54
C LEU A 4 -1.99 5.66 4.79
N GLY A 5 -0.93 5.33 5.53
CA GLY A 5 0.24 4.68 4.96
C GLY A 5 -0.07 3.24 4.57
N LYS A 6 -0.95 2.60 5.32
CA LYS A 6 -1.40 1.25 5.00
C LYS A 6 -2.17 1.21 3.70
N MET A 7 -3.04 2.20 3.49
CA MET A 7 -3.78 2.33 2.25
C MET A 7 -2.85 2.70 1.10
N ALA A 8 -1.86 3.54 1.38
CA ALA A 8 -0.86 3.90 0.40
C ALA A 8 -0.16 2.66 -0.16
N ASP A 9 0.25 1.77 0.74
CA ASP A 9 0.86 0.50 0.34
C ASP A 9 -0.12 -0.36 -0.44
N TRP A 10 -1.39 -0.32 -0.03
CA TRP A 10 -2.44 -1.05 -0.74
C TRP A 10 -2.55 -0.60 -2.19
N PHE A 11 -2.47 0.71 -2.40
CA PHE A 11 -2.53 1.27 -3.74
C PHE A 11 -1.25 0.99 -4.52
N ARG A 12 -0.12 0.99 -3.80
CA ARG A 12 1.16 0.69 -4.41
C ARG A 12 1.21 -0.73 -4.95
N GLN A 13 0.61 -1.66 -4.21
CA GLN A 13 0.55 -3.05 -4.63
C GLN A 13 -0.55 -3.27 -5.67
N THR A 14 -1.68 -2.60 -5.47
CA THR A 14 -2.85 -2.78 -6.34
C THR A 14 -2.62 -2.16 -7.71
N LEU A 15 -2.14 -0.92 -7.72
CA LEU A 15 -2.07 -0.14 -8.94
C LEU A 15 -0.65 -0.13 -9.50
N LEU A 16 0.33 0.09 -8.64
CA LEU A 16 1.72 0.20 -9.06
C LEU A 16 2.40 -1.16 -9.06
N LYS A 17 1.69 -2.17 -8.57
CA LYS A 17 2.19 -3.54 -8.60
C LYS A 17 3.46 -3.69 -7.77
N LYS A 18 3.53 -2.95 -6.68
CA LYS A 18 4.67 -3.02 -5.77
C LYS A 18 4.34 -3.85 -4.53
N PRO A 19 5.09 -4.93 -4.33
CA PRO A 19 4.87 -5.81 -3.19
C PRO A 19 4.86 -5.03 -1.88
N LYS A 20 3.82 -5.23 -1.09
CA LYS A 20 3.70 -4.57 0.21
C LYS A 20 4.84 -4.99 1.14
N LYS A 21 5.56 -4.01 1.66
CA LYS A 21 6.66 -4.27 2.57
C LYS A 21 6.55 -3.41 3.83
N LYS A 1 3.01 1.61 11.08
CA LYS A 1 2.44 2.44 10.01
C LYS A 1 1.02 2.87 10.35
N LYS A 2 0.63 4.04 9.86
CA LYS A 2 -0.74 4.53 10.02
C LYS A 2 -1.65 3.95 8.94
N PRO A 3 -2.95 3.92 9.24
CA PRO A 3 -3.93 3.42 8.29
C PRO A 3 -3.79 4.10 6.93
N LEU A 4 -3.45 5.38 6.95
CA LEU A 4 -3.20 6.13 5.72
C LEU A 4 -2.05 5.53 4.92
N GLY A 5 -0.94 5.28 5.60
CA GLY A 5 0.23 4.68 4.96
C GLY A 5 -0.06 3.26 4.50
N LYS A 6 -0.90 2.56 5.26
CA LYS A 6 -1.31 1.21 4.89
C LYS A 6 -2.10 1.20 3.60
N MET A 7 -2.99 2.18 3.44
CA MET A 7 -3.76 2.33 2.22
C MET A 7 -2.88 2.74 1.05
N ALA A 8 -1.87 3.56 1.34
CA ALA A 8 -0.88 3.94 0.34
C ALA A 8 -0.15 2.71 -0.20
N ASP A 9 0.23 1.81 0.70
CA ASP A 9 0.86 0.56 0.31
C ASP A 9 -0.12 -0.35 -0.41
N TRP A 10 -1.39 -0.29 -0.01
CA TRP A 10 -2.45 -1.02 -0.69
C TRP A 10 -2.57 -0.58 -2.15
N PHE A 11 -2.52 0.73 -2.37
CA PHE A 11 -2.52 1.26 -3.73
C PHE A 11 -1.28 0.83 -4.50
N ARG A 12 -0.14 0.79 -3.81
CA ARG A 12 1.10 0.33 -4.41
C ARG A 12 1.02 -1.15 -4.78
N GLN A 13 0.25 -1.91 -4.01
CA GLN A 13 -0.01 -3.30 -4.32
C GLN A 13 -0.77 -3.44 -5.64
N THR A 14 -1.71 -2.54 -5.87
CA THR A 14 -2.57 -2.62 -7.04
C THR A 14 -1.93 -1.94 -8.24
N LEU A 15 -1.04 -0.98 -7.97
CA LEU A 15 -0.46 -0.15 -9.02
C LEU A 15 0.97 -0.59 -9.34
N LEU A 16 1.76 -0.80 -8.30
CA LEU A 16 3.18 -1.08 -8.47
C LEU A 16 3.50 -2.54 -8.16
N LYS A 17 2.46 -3.33 -7.93
CA LYS A 17 2.61 -4.73 -7.56
C LYS A 17 3.49 -4.88 -6.33
N LYS A 18 3.26 -4.02 -5.34
CA LYS A 18 3.98 -4.10 -4.08
C LYS A 18 3.05 -4.49 -2.93
N PRO A 19 3.14 -5.74 -2.50
CA PRO A 19 2.25 -6.25 -1.46
C PRO A 19 2.27 -5.36 -0.23
N LYS A 20 1.08 -5.04 0.28
CA LYS A 20 0.96 -4.22 1.48
C LYS A 20 1.62 -4.91 2.68
N LYS A 21 2.51 -4.18 3.34
CA LYS A 21 3.22 -4.71 4.51
C LYS A 21 3.80 -3.59 5.36
N LYS A 1 2.87 2.17 11.59
CA LYS A 1 2.34 2.60 10.30
C LYS A 1 0.89 3.04 10.43
N LYS A 2 0.60 4.24 9.92
CA LYS A 2 -0.75 4.79 9.98
C LYS A 2 -1.64 4.16 8.92
N PRO A 3 -2.95 4.17 9.17
CA PRO A 3 -3.92 3.63 8.22
C PRO A 3 -3.74 4.25 6.85
N LEU A 4 -3.37 5.53 6.82
CA LEU A 4 -3.14 6.23 5.56
C LEU A 4 -1.96 5.64 4.80
N GLY A 5 -0.91 5.28 5.54
CA GLY A 5 0.25 4.63 4.94
C GLY A 5 -0.07 3.21 4.50
N LYS A 6 -0.94 2.55 5.25
CA LYS A 6 -1.40 1.21 4.91
C LYS A 6 -2.16 1.20 3.59
N MET A 7 -3.03 2.20 3.42
CA MET A 7 -3.80 2.34 2.20
C MET A 7 -2.93 2.78 1.03
N ALA A 8 -1.88 3.55 1.35
CA ALA A 8 -0.90 3.93 0.36
C ALA A 8 -0.17 2.72 -0.20
N ASP A 9 0.23 1.82 0.69
CA ASP A 9 0.88 0.58 0.27
C ASP A 9 -0.09 -0.36 -0.43
N TRP A 10 -1.35 -0.32 0.00
CA TRP A 10 -2.41 -1.05 -0.69
C TRP A 10 -2.55 -0.59 -2.13
N PHE A 11 -2.55 0.73 -2.33
CA PHE A 11 -2.53 1.29 -3.67
C PHE A 11 -1.30 0.85 -4.45
N ARG A 12 -0.14 0.91 -3.79
CA ARG A 12 1.10 0.48 -4.41
C ARG A 12 1.09 -1.00 -4.72
N GLN A 13 0.33 -1.76 -3.95
CA GLN A 13 0.12 -3.18 -4.21
C GLN A 13 -0.63 -3.39 -5.53
N THR A 14 -1.62 -2.54 -5.76
CA THR A 14 -2.45 -2.65 -6.96
C THR A 14 -1.76 -2.01 -8.17
N LEU A 15 -0.83 -1.10 -7.89
CA LEU A 15 -0.13 -0.38 -8.95
C LEU A 15 1.24 -0.97 -9.20
N LEU A 16 2.10 -0.92 -8.18
CA LEU A 16 3.50 -1.28 -8.32
C LEU A 16 3.76 -2.70 -7.85
N LYS A 17 2.69 -3.39 -7.47
CA LYS A 17 2.80 -4.77 -7.00
C LYS A 17 3.64 -4.85 -5.73
N LYS A 18 3.54 -3.82 -4.89
CA LYS A 18 4.25 -3.80 -3.61
C LYS A 18 3.52 -4.64 -2.57
N PRO A 19 4.24 -5.60 -2.01
CA PRO A 19 3.69 -6.44 -0.93
C PRO A 19 3.13 -5.58 0.19
N LYS A 20 1.85 -5.79 0.50
CA LYS A 20 1.18 -5.05 1.55
C LYS A 20 1.46 -5.65 2.93
N LYS A 21 1.92 -4.81 3.85
CA LYS A 21 2.22 -5.26 5.20
C LYS A 21 2.37 -4.09 6.15
N LYS A 1 2.82 2.42 11.68
CA LYS A 1 2.29 2.82 10.39
C LYS A 1 0.82 3.23 10.50
N LYS A 2 0.50 4.41 9.97
CA LYS A 2 -0.86 4.92 10.01
C LYS A 2 -1.72 4.26 8.94
N PRO A 3 -3.04 4.24 9.17
CA PRO A 3 -3.98 3.66 8.22
C PRO A 3 -3.79 4.26 6.83
N LEU A 4 -3.45 5.55 6.79
CA LEU A 4 -3.20 6.25 5.53
C LEU A 4 -2.01 5.66 4.80
N GLY A 5 -0.96 5.32 5.54
CA GLY A 5 0.22 4.69 4.98
C GLY A 5 -0.08 3.25 4.56
N LYS A 6 -0.95 2.59 5.32
CA LYS A 6 -1.37 1.23 4.99
C LYS A 6 -2.13 1.20 3.66
N MET A 7 -3.00 2.19 3.47
CA MET A 7 -3.74 2.32 2.22
C MET A 7 -2.82 2.70 1.07
N ALA A 8 -1.84 3.54 1.36
CA ALA A 8 -0.83 3.90 0.37
C ALA A 8 -0.13 2.66 -0.18
N ASP A 9 0.27 1.77 0.71
CA ASP A 9 0.87 0.50 0.31
C ASP A 9 -0.12 -0.36 -0.45
N TRP A 10 -1.38 -0.32 -0.02
CA TRP A 10 -2.45 -1.04 -0.71
C TRP A 10 -2.57 -0.59 -2.17
N PHE A 11 -2.48 0.72 -2.39
CA PHE A 11 -2.54 1.28 -3.73
C PHE A 11 -1.29 0.97 -4.52
N ARG A 12 -0.15 0.94 -3.82
CA ARG A 12 1.12 0.60 -4.45
C ARG A 12 1.12 -0.83 -4.97
N GLN A 13 0.47 -1.72 -4.23
CA GLN A 13 0.35 -3.11 -4.65
C GLN A 13 -0.77 -3.30 -5.66
N THR A 14 -1.87 -2.59 -5.45
CA THR A 14 -3.07 -2.75 -6.28
C THR A 14 -2.87 -2.12 -7.66
N LEU A 15 -2.42 -0.87 -7.67
CA LEU A 15 -2.38 -0.08 -8.88
C LEU A 15 -0.99 -0.06 -9.50
N LEU A 16 0.02 0.12 -8.66
CA LEU A 16 1.40 0.19 -9.13
C LEU A 16 2.03 -1.19 -9.20
N LYS A 17 1.29 -2.20 -8.77
CA LYS A 17 1.74 -3.58 -8.87
C LYS A 17 3.05 -3.79 -8.11
N LYS A 18 3.13 -3.22 -6.92
CA LYS A 18 4.31 -3.40 -6.07
C LYS A 18 3.94 -4.13 -4.78
N PRO A 19 4.27 -5.41 -4.71
CA PRO A 19 3.96 -6.23 -3.54
C PRO A 19 4.49 -5.60 -2.27
N LYS A 20 3.69 -5.65 -1.21
CA LYS A 20 4.08 -5.09 0.07
C LYS A 20 5.33 -5.78 0.61
N LYS A 21 6.29 -4.98 1.06
CA LYS A 21 7.54 -5.51 1.59
C LYS A 21 8.30 -4.44 2.37
N LYS A 1 3.03 2.43 11.65
CA LYS A 1 2.47 2.83 10.37
C LYS A 1 0.98 3.17 10.49
N LYS A 2 0.61 4.33 9.98
CA LYS A 2 -0.78 4.79 10.05
C LYS A 2 -1.63 4.10 8.97
N PRO A 3 -2.93 4.02 9.23
CA PRO A 3 -3.87 3.43 8.27
C PRO A 3 -3.72 4.08 6.89
N LEU A 4 -3.44 5.38 6.89
CA LEU A 4 -3.25 6.11 5.64
C LEU A 4 -2.05 5.58 4.86
N GLY A 5 -0.97 5.28 5.58
CA GLY A 5 0.22 4.69 4.97
C GLY A 5 -0.05 3.26 4.52
N LYS A 6 -0.87 2.55 5.27
CA LYS A 6 -1.27 1.20 4.90
C LYS A 6 -2.07 1.19 3.60
N MET A 7 -2.96 2.17 3.46
CA MET A 7 -3.74 2.33 2.24
C MET A 7 -2.86 2.72 1.06
N ALA A 8 -1.86 3.56 1.34
CA ALA A 8 -0.87 3.92 0.33
C ALA A 8 -0.15 2.68 -0.21
N ASP A 9 0.23 1.79 0.69
CA ASP A 9 0.84 0.53 0.32
C ASP A 9 -0.14 -0.38 -0.42
N TRP A 10 -1.40 -0.30 -0.02
CA TRP A 10 -2.47 -1.02 -0.71
C TRP A 10 -2.58 -0.58 -2.16
N PHE A 11 -2.50 0.73 -2.38
CA PHE A 11 -2.51 1.29 -3.73
C PHE A 11 -1.27 0.88 -4.50
N ARG A 12 -0.14 0.79 -3.80
CA ARG A 12 1.10 0.34 -4.40
C ARG A 12 1.02 -1.12 -4.80
N GLN A 13 0.29 -1.90 -4.02
CA GLN A 13 0.00 -3.29 -4.37
C GLN A 13 -0.81 -3.37 -5.66
N THR A 14 -1.81 -2.50 -5.78
CA THR A 14 -2.66 -2.48 -6.96
C THR A 14 -1.90 -1.99 -8.19
N LEU A 15 -1.12 -0.93 -8.01
CA LEU A 15 -0.57 -0.19 -9.14
C LEU A 15 0.86 -0.64 -9.43
N LEU A 16 1.67 -0.77 -8.38
CA LEU A 16 3.10 -1.03 -8.54
C LEU A 16 3.42 -2.48 -8.22
N LYS A 17 2.38 -3.29 -8.00
CA LYS A 17 2.57 -4.69 -7.66
C LYS A 17 3.46 -4.85 -6.44
N LYS A 18 3.25 -4.00 -5.45
CA LYS A 18 3.98 -4.08 -4.18
C LYS A 18 3.06 -4.49 -3.04
N PRO A 19 3.16 -5.74 -2.62
CA PRO A 19 2.29 -6.28 -1.57
C PRO A 19 2.29 -5.38 -0.33
N LYS A 20 1.10 -5.06 0.16
CA LYS A 20 0.96 -4.20 1.33
C LYS A 20 1.69 -4.79 2.53
N LYS A 21 2.64 -4.03 3.06
CA LYS A 21 3.39 -4.46 4.23
C LYS A 21 4.20 -3.31 4.83
N LYS A 1 3.00 1.75 11.09
CA LYS A 1 2.45 2.56 10.00
C LYS A 1 1.03 3.02 10.33
N LYS A 2 0.67 4.19 9.81
CA LYS A 2 -0.69 4.70 9.95
C LYS A 2 -1.62 4.08 8.91
N PRO A 3 -2.92 4.09 9.22
CA PRO A 3 -3.92 3.54 8.30
C PRO A 3 -3.77 4.16 6.91
N LEU A 4 -3.43 5.44 6.87
CA LEU A 4 -3.25 6.13 5.60
C LEU A 4 -2.05 5.58 4.84
N GLY A 5 -0.98 5.28 5.57
CA GLY A 5 0.21 4.68 4.97
C GLY A 5 -0.06 3.25 4.52
N LYS A 6 -0.90 2.55 5.27
CA LYS A 6 -1.31 1.19 4.91
C LYS A 6 -2.10 1.19 3.60
N MET A 7 -2.98 2.17 3.45
CA MET A 7 -3.75 2.33 2.22
C MET A 7 -2.85 2.72 1.05
N ALA A 8 -1.85 3.55 1.34
CA ALA A 8 -0.85 3.91 0.34
C ALA A 8 -0.13 2.68 -0.20
N ASP A 9 0.25 1.78 0.69
CA ASP A 9 0.87 0.53 0.31
C ASP A 9 -0.11 -0.37 -0.42
N TRP A 10 -1.38 -0.30 -0.02
CA TRP A 10 -2.45 -1.04 -0.71
C TRP A 10 -2.59 -0.58 -2.15
N PHE A 11 -2.50 0.73 -2.36
CA PHE A 11 -2.53 1.29 -3.71
C PHE A 11 -1.29 0.89 -4.49
N ARG A 12 -0.15 0.82 -3.80
CA ARG A 12 1.09 0.37 -4.42
C ARG A 12 1.00 -1.10 -4.83
N GLN A 13 0.29 -1.88 -4.03
CA GLN A 13 -0.01 -3.27 -4.39
C GLN A 13 -0.84 -3.35 -5.66
N THR A 14 -1.83 -2.49 -5.77
CA THR A 14 -2.71 -2.47 -6.93
C THR A 14 -1.98 -1.97 -8.17
N LEU A 15 -1.20 -0.90 -8.00
CA LEU A 15 -0.66 -0.16 -9.14
C LEU A 15 0.76 -0.60 -9.46
N LEU A 16 1.59 -0.72 -8.42
CA LEU A 16 3.01 -0.97 -8.59
C LEU A 16 3.35 -2.43 -8.30
N LYS A 17 2.33 -3.24 -8.06
CA LYS A 17 2.53 -4.64 -7.73
C LYS A 17 3.43 -4.80 -6.51
N LYS A 18 3.23 -3.95 -5.51
CA LYS A 18 3.98 -4.04 -4.26
C LYS A 18 3.07 -4.44 -3.10
N PRO A 19 3.17 -5.70 -2.69
CA PRO A 19 2.31 -6.23 -1.64
C PRO A 19 2.36 -5.37 -0.40
N LYS A 20 1.19 -5.04 0.15
CA LYS A 20 1.11 -4.27 1.37
C LYS A 20 1.79 -4.99 2.53
N LYS A 21 2.82 -4.36 3.08
CA LYS A 21 3.55 -4.92 4.21
C LYS A 21 3.76 -3.89 5.31
N LYS A 1 3.01 1.61 11.08
CA LYS A 1 2.44 2.44 10.01
C LYS A 1 1.02 2.87 10.35
N LYS A 2 0.63 4.04 9.86
CA LYS A 2 -0.74 4.53 10.02
C LYS A 2 -1.65 3.95 8.94
N PRO A 3 -2.95 3.92 9.24
CA PRO A 3 -3.93 3.42 8.29
C PRO A 3 -3.79 4.10 6.93
N LEU A 4 -3.45 5.38 6.95
CA LEU A 4 -3.20 6.13 5.72
C LEU A 4 -2.05 5.53 4.92
N GLY A 5 -0.94 5.28 5.60
CA GLY A 5 0.23 4.68 4.96
C GLY A 5 -0.06 3.26 4.50
N LYS A 6 -0.90 2.55 5.25
CA LYS A 6 -1.31 1.21 4.89
C LYS A 6 -2.10 1.20 3.60
N MET A 7 -2.99 2.18 3.44
CA MET A 7 -3.76 2.33 2.23
C MET A 7 -2.88 2.74 1.05
N ALA A 8 -1.87 3.56 1.34
CA ALA A 8 -0.88 3.94 0.34
C ALA A 8 -0.15 2.71 -0.20
N ASP A 9 0.23 1.81 0.70
CA ASP A 9 0.86 0.56 0.31
C ASP A 9 -0.12 -0.35 -0.41
N TRP A 10 -1.39 -0.29 -0.01
CA TRP A 10 -2.45 -1.02 -0.69
C TRP A 10 -2.57 -0.58 -2.15
N PHE A 11 -2.52 0.73 -2.37
CA PHE A 11 -2.51 1.27 -3.72
C PHE A 11 -1.28 0.83 -4.50
N ARG A 12 -0.14 0.79 -3.81
CA ARG A 12 1.10 0.33 -4.41
C ARG A 12 1.02 -1.15 -4.78
N GLN A 13 0.25 -1.91 -4.01
CA GLN A 13 -0.01 -3.30 -4.32
C GLN A 13 -0.77 -3.44 -5.64
N THR A 14 -1.71 -2.54 -5.87
CA THR A 14 -2.57 -2.62 -7.04
C THR A 14 -1.92 -1.94 -8.24
N LEU A 15 -1.04 -0.97 -7.98
CA LEU A 15 -0.46 -0.15 -9.02
C LEU A 15 0.97 -0.59 -9.34
N LEU A 16 1.76 -0.80 -8.30
CA LEU A 16 3.18 -1.08 -8.47
C LEU A 16 3.50 -2.54 -8.16
N LYS A 17 2.46 -3.33 -7.93
CA LYS A 17 2.61 -4.73 -7.56
C LYS A 17 3.49 -4.88 -6.33
N LYS A 18 3.26 -4.02 -5.34
CA LYS A 18 3.98 -4.10 -4.08
C LYS A 18 3.05 -4.49 -2.93
N PRO A 19 3.14 -5.73 -2.49
CA PRO A 19 2.25 -6.25 -1.46
C PRO A 19 2.27 -5.36 -0.23
N LYS A 20 1.08 -5.04 0.28
CA LYS A 20 0.96 -4.22 1.48
C LYS A 20 1.62 -4.91 2.68
N LYS A 21 2.51 -4.17 3.35
CA LYS A 21 3.22 -4.71 4.51
C LYS A 21 3.80 -3.59 5.36
#